data_9CSM
#
_entry.id   9CSM
#
_cell.length_a   25.221
_cell.length_b   62.250
_cell.length_c   38.276
_cell.angle_alpha   90.00
_cell.angle_beta   99.20
_cell.angle_gamma   90.00
#
_symmetry.space_group_name_H-M   'P 1 21 1'
#
loop_
_entity.id
_entity.type
_entity.pdbx_description
1 polymer 'Ribonuclease 7'
2 non-polymer 'CHLORIDE ION'
3 non-polymer 'ZINC ION'
4 non-polymer '2-(N-MORPHOLINO)-ETHANESULFONIC ACID'
5 non-polymer 1,2-ETHANEDIOL
6 non-polymer DI(HYDROXYETHYL)ETHER
7 non-polymer (4S)-2-METHYL-2,4-PENTANEDIOL
8 water water
#
_entity_poly.entity_id   1
_entity_poly.type   'polypeptide(L)'
_entity_poly.pdbx_seq_one_letter_code
;MKPKGMTSSQWFKIQHMQPSPQACNSAMKNINKHTKRCKDLNTFLHEPFSSVAATCQTPKIACKNGDKNCHQSHGAVSLT
MCKLTSGKHPNCRYKEKRQNKSYVVACKPPQKKDSQQFHLVPVHLDRVL
;
_entity_poly.pdbx_strand_id   A
#
loop_
_chem_comp.id
_chem_comp.type
_chem_comp.name
_chem_comp.formula
CL non-polymer 'CHLORIDE ION' 'Cl -1'
EDO non-polymer 1,2-ETHANEDIOL 'C2 H6 O2'
MES non-polymer '2-(N-MORPHOLINO)-ETHANESULFONIC ACID' 'C6 H13 N O4 S'
MPD non-polymer (4S)-2-METHYL-2,4-PENTANEDIOL 'C6 H14 O2'
PEG non-polymer DI(HYDROXYETHYL)ETHER 'C4 H10 O3'
ZN non-polymer 'ZINC ION' 'Zn 2'
#
# COMPACT_ATOMS: atom_id res chain seq x y z
N MET A 1 9.56 -6.88 -7.84
CA MET A 1 9.51 -5.50 -8.34
C MET A 1 8.25 -5.28 -9.19
N LYS A 2 7.77 -4.06 -9.24
CA LYS A 2 6.66 -3.63 -10.09
C LYS A 2 6.91 -4.09 -11.51
N PRO A 3 6.07 -4.92 -12.13
CA PRO A 3 6.23 -5.26 -13.52
C PRO A 3 6.40 -4.06 -14.46
N LYS A 4 7.15 -4.26 -15.54
CA LYS A 4 7.23 -3.18 -16.51
C LYS A 4 5.84 -2.91 -17.07
N GLY A 5 5.55 -1.65 -17.43
CA GLY A 5 4.30 -1.28 -18.06
C GLY A 5 3.12 -1.12 -17.12
N MET A 6 3.19 -1.60 -15.88
CA MET A 6 2.10 -1.42 -14.94
C MET A 6 2.20 -0.02 -14.35
N THR A 7 1.06 0.61 -14.10
CA THR A 7 1.14 1.94 -13.50
C THR A 7 1.49 1.84 -12.01
N SER A 8 1.95 2.96 -11.46
CA SER A 8 2.25 3.03 -10.03
C SER A 8 0.98 2.89 -9.21
N SER A 9 -0.12 3.50 -9.66
CA SER A 9 -1.39 3.40 -8.95
C SER A 9 -1.85 1.95 -8.87
N GLN A 10 -1.74 1.23 -9.98
CA GLN A 10 -2.17 -0.17 -9.99
C GLN A 10 -1.30 -1.01 -9.04
N TRP A 11 0.01 -0.80 -9.08
CA TRP A 11 0.90 -1.49 -8.18
C TRP A 11 0.55 -1.24 -6.74
N PHE A 12 0.24 0.02 -6.42
CA PHE A 12 -0.10 0.38 -5.06
C PHE A 12 -1.27 -0.46 -4.58
N LYS A 13 -2.24 -0.70 -5.46
CA LYS A 13 -3.44 -1.43 -5.09
C LYS A 13 -3.11 -2.86 -4.74
N ILE A 14 -2.29 -3.50 -5.58
CA ILE A 14 -1.87 -4.86 -5.33
C ILE A 14 -1.12 -4.95 -4.01
N GLN A 15 -0.17 -4.06 -3.82
CA GLN A 15 0.72 -4.13 -2.68
C GLN A 15 0.02 -3.87 -1.36
N HIS A 16 -0.90 -2.89 -1.30
CA HIS A 16 -1.39 -2.35 -0.03
C HIS A 16 -2.88 -2.34 0.21
N MET A 17 -3.69 -2.41 -0.81
CA MET A 17 -5.14 -2.36 -0.64
C MET A 17 -5.66 -3.73 -0.24
N GLN A 18 -6.31 -3.80 0.92
CA GLN A 18 -6.92 -5.06 1.39
C GLN A 18 -8.21 -4.74 2.13
N PRO A 19 -9.27 -4.33 1.41
CA PRO A 19 -10.47 -3.85 2.11
C PRO A 19 -11.09 -4.84 3.10
N SER A 20 -11.05 -6.14 2.79
CA SER A 20 -11.46 -7.17 3.76
C SER A 20 -10.21 -7.89 4.27
N PRO A 21 -9.93 -7.86 5.59
CA PRO A 21 -8.64 -8.36 6.07
C PRO A 21 -8.41 -9.82 5.71
N GLN A 22 -7.17 -10.13 5.38
CA GLN A 22 -6.75 -11.49 5.10
C GLN A 22 -5.52 -11.82 5.97
N ALA A 23 -5.33 -13.11 6.25
CA ALA A 23 -4.11 -13.55 6.94
C ALA A 23 -2.84 -13.20 6.15
N CYS A 24 -1.80 -12.76 6.88
CA CYS A 24 -0.55 -12.38 6.23
C CYS A 24 0.00 -13.48 5.33
N ASN A 25 0.03 -14.72 5.84
CA ASN A 25 0.70 -15.78 5.11
C ASN A 25 0.01 -16.08 3.79
N SER A 26 -1.32 -15.94 3.74
CA SER A 26 -2.06 -16.05 2.49
C SER A 26 -1.87 -14.81 1.62
N ALA A 27 -2.00 -13.64 2.21
CA ALA A 27 -2.02 -12.41 1.44
C ALA A 27 -0.66 -12.10 0.84
N MET A 28 0.42 -12.45 1.54
CA MET A 28 1.78 -12.19 1.10
C MET A 28 2.20 -13.07 -0.07
N LYS A 29 1.42 -14.12 -0.39
CA LYS A 29 1.77 -14.96 -1.55
C LYS A 29 1.61 -14.18 -2.85
N ASN A 30 0.56 -13.34 -2.94
CA ASN A 30 0.35 -12.51 -4.12
C ASN A 30 1.32 -11.33 -4.17
N ILE A 31 1.78 -10.87 -3.01
CA ILE A 31 2.85 -9.88 -3.00
C ILE A 31 4.16 -10.51 -3.45
N ASN A 32 4.39 -11.76 -3.05
CA ASN A 32 5.66 -12.41 -3.31
C ASN A 32 5.74 -13.12 -4.65
N LYS A 33 4.69 -13.12 -5.46
CA LYS A 33 4.72 -13.95 -6.67
C LYS A 33 5.50 -13.33 -7.83
N HIS A 34 5.85 -12.03 -7.76
CA HIS A 34 6.57 -11.47 -8.88
C HIS A 34 8.07 -11.75 -8.79
N THR A 35 8.63 -11.74 -7.59
CA THR A 35 10.04 -12.14 -7.44
C THR A 35 10.16 -13.59 -7.03
N LYS A 36 9.08 -14.14 -6.45
CA LYS A 36 9.10 -15.45 -5.80
C LYS A 36 10.28 -15.53 -4.83
N ARG A 37 10.47 -14.45 -4.10
CA ARG A 37 11.29 -14.40 -2.90
C ARG A 37 10.49 -13.67 -1.82
N CYS A 38 10.80 -13.94 -0.56
CA CYS A 38 10.02 -13.41 0.55
C CYS A 38 10.32 -11.93 0.80
N LYS A 39 9.30 -11.05 0.62
CA LYS A 39 9.38 -9.63 1.01
C LYS A 39 9.53 -9.61 2.54
N ASP A 40 10.33 -8.74 3.08
CA ASP A 40 10.58 -8.71 4.52
C ASP A 40 9.45 -8.03 5.28
N LEU A 41 8.86 -6.98 4.73
CA LEU A 41 7.86 -6.19 5.45
C LEU A 41 6.81 -5.70 4.47
N ASN A 42 5.55 -5.67 4.91
CA ASN A 42 4.51 -5.05 4.08
C ASN A 42 3.35 -4.63 4.96
N THR A 43 2.74 -3.49 4.63
CA THR A 43 1.52 -3.02 5.30
C THR A 43 0.33 -3.06 4.37
N PHE A 44 -0.79 -3.56 4.88
CA PHE A 44 -2.06 -3.67 4.17
C PHE A 44 -3.08 -2.77 4.80
N LEU A 45 -3.78 -1.97 3.98
CA LEU A 45 -4.74 -1.01 4.47
C LEU A 45 -6.15 -1.56 4.35
N HIS A 46 -6.87 -1.64 5.45
CA HIS A 46 -8.19 -2.26 5.44
C HIS A 46 -9.27 -1.20 5.24
N GLU A 47 -9.24 -0.61 4.04
CA GLU A 47 -10.10 0.47 3.60
C GLU A 47 -10.46 0.22 2.15
N PRO A 48 -11.62 0.72 1.69
CA PRO A 48 -11.88 0.74 0.25
C PRO A 48 -10.89 1.66 -0.46
N PHE A 49 -10.53 1.29 -1.69
CA PHE A 49 -9.58 2.10 -2.43
C PHE A 49 -10.03 3.55 -2.50
N SER A 50 -11.33 3.76 -2.75
CA SER A 50 -11.83 5.12 -2.93
C SER A 50 -11.57 5.97 -1.70
N SER A 51 -11.55 5.34 -0.53
CA SER A 51 -11.25 6.08 0.69
C SER A 51 -9.77 6.43 0.78
N VAL A 52 -8.88 5.59 0.26
CA VAL A 52 -7.47 5.98 0.24
C VAL A 52 -7.23 7.06 -0.82
N ALA A 53 -7.83 6.93 -1.99
CA ALA A 53 -7.67 7.99 -2.98
C ALA A 53 -8.27 9.31 -2.50
N ALA A 54 -9.32 9.25 -1.66
CA ALA A 54 -9.84 10.47 -1.06
C ALA A 54 -8.82 11.19 -0.19
N THR A 55 -7.89 10.44 0.38
CA THR A 55 -6.83 11.07 1.18
C THR A 55 -5.92 11.94 0.32
N CYS A 56 -5.78 11.64 -0.96
CA CYS A 56 -5.01 12.52 -1.84
C CYS A 56 -5.55 13.94 -1.85
N GLN A 57 -6.76 14.16 -1.35
CA GLN A 57 -7.32 15.51 -1.33
C GLN A 57 -6.91 16.33 -0.12
N THR A 58 -6.31 15.74 0.91
CA THR A 58 -5.98 16.52 2.10
C THR A 58 -4.76 17.40 1.78
N PRO A 59 -4.46 18.38 2.63
CA PRO A 59 -3.32 19.26 2.34
C PRO A 59 -2.02 18.54 2.04
N LYS A 60 -1.33 19.05 1.03
CA LYS A 60 -0.02 18.52 0.66
C LYS A 60 1.02 18.72 1.74
N ILE A 61 1.76 17.62 2.07
CA ILE A 61 2.86 17.60 3.03
C ILE A 61 4.06 16.86 2.45
N ALA A 62 5.22 17.09 3.07
CA ALA A 62 6.43 16.41 2.64
C ALA A 62 6.35 14.89 2.79
N CYS A 63 6.82 14.20 1.76
CA CYS A 63 7.15 12.79 1.85
C CYS A 63 8.51 12.59 2.51
N LYS A 64 8.88 11.34 2.69
CA LYS A 64 10.18 10.99 3.24
C LYS A 64 11.31 11.44 2.36
N ASN A 65 11.06 11.63 1.08
CA ASN A 65 12.09 12.08 0.15
C ASN A 65 12.25 13.59 0.10
N GLY A 66 11.37 14.34 0.75
CA GLY A 66 11.41 15.79 0.78
C GLY A 66 10.44 16.44 -0.18
N ASP A 67 9.90 15.68 -1.11
CA ASP A 67 8.97 16.21 -2.12
C ASP A 67 7.56 16.40 -1.54
N LYS A 68 6.90 17.45 -1.98
CA LYS A 68 5.62 17.83 -1.38
C LYS A 68 4.47 17.22 -2.18
N ASN A 69 4.43 15.88 -2.25
CA ASN A 69 3.26 15.24 -2.86
C ASN A 69 2.63 14.18 -1.95
N CYS A 70 2.82 14.30 -0.64
CA CYS A 70 2.22 13.38 0.31
C CYS A 70 1.00 14.02 1.00
N HIS A 71 0.20 13.16 1.58
CA HIS A 71 -1.11 13.52 2.11
C HIS A 71 -1.44 12.59 3.27
N GLN A 72 -1.78 13.14 4.42
CA GLN A 72 -2.18 12.32 5.56
C GLN A 72 -3.69 12.04 5.55
N SER A 73 -4.05 10.86 6.07
CA SER A 73 -5.44 10.46 6.15
C SER A 73 -6.18 11.35 7.14
N HIS A 74 -7.49 11.51 6.91
CA HIS A 74 -8.35 12.19 7.86
C HIS A 74 -8.35 11.57 9.25
N GLY A 75 -8.13 10.27 9.33
CA GLY A 75 -8.34 9.58 10.59
C GLY A 75 -7.53 8.31 10.54
N ALA A 76 -7.49 7.65 11.71
CA ALA A 76 -6.91 6.33 11.82
C ALA A 76 -7.77 5.31 11.09
N VAL A 77 -7.10 4.33 10.47
CA VAL A 77 -7.81 3.22 9.87
C VAL A 77 -7.19 1.92 10.37
N SER A 78 -7.92 0.85 10.14
CA SER A 78 -7.45 -0.51 10.44
C SER A 78 -6.44 -0.91 9.37
N LEU A 79 -5.31 -1.40 9.81
CA LEU A 79 -4.32 -1.90 8.87
C LEU A 79 -3.57 -3.02 9.56
N THR A 80 -2.89 -3.81 8.75
CA THR A 80 -2.11 -4.93 9.25
C THR A 80 -0.70 -4.78 8.71
N MET A 81 0.29 -4.83 9.60
CA MET A 81 1.68 -4.99 9.19
C MET A 81 2.07 -6.46 9.20
N CYS A 82 2.73 -6.90 8.14
CA CYS A 82 3.27 -8.25 8.03
C CYS A 82 4.78 -8.20 8.03
N LYS A 83 5.41 -9.04 8.86
CA LYS A 83 6.86 -9.06 9.04
C LYS A 83 7.36 -10.48 8.87
N LEU A 84 8.35 -10.68 7.99
CA LEU A 84 8.86 -12.03 7.70
C LEU A 84 9.64 -12.58 8.87
N THR A 85 9.21 -13.73 9.39
CA THR A 85 9.94 -14.32 10.51
C THR A 85 10.77 -15.53 10.13
N SER A 86 10.40 -16.22 9.07
CA SER A 86 11.18 -17.37 8.63
C SER A 86 10.76 -17.75 7.23
N GLY A 87 11.56 -18.63 6.63
CA GLY A 87 11.14 -19.39 5.48
C GLY A 87 11.83 -18.92 4.21
N LYS A 88 11.55 -19.67 3.15
CA LYS A 88 11.97 -19.35 1.80
C LYS A 88 10.87 -19.73 0.82
N HIS A 89 10.75 -18.96 -0.25
CA HIS A 89 9.60 -19.13 -1.12
C HIS A 89 9.51 -20.59 -1.58
N PRO A 90 8.28 -21.15 -1.69
CA PRO A 90 6.99 -20.48 -1.44
C PRO A 90 6.54 -20.48 0.01
N ASN A 91 7.48 -20.75 0.92
CA ASN A 91 7.17 -20.84 2.34
C ASN A 91 7.55 -19.56 3.08
N CYS A 92 6.93 -18.45 2.72
CA CYS A 92 7.19 -17.21 3.43
C CYS A 92 6.23 -17.13 4.61
N ARG A 93 6.79 -17.13 5.81
CA ARG A 93 5.99 -17.11 7.03
C ARG A 93 6.14 -15.76 7.71
N TYR A 94 5.00 -15.16 8.10
CA TYR A 94 4.93 -13.80 8.57
C TYR A 94 4.30 -13.76 9.96
N LYS A 95 4.70 -12.78 10.76
CA LYS A 95 4.05 -12.43 12.01
C LYS A 95 3.20 -11.19 11.77
N GLU A 96 1.94 -11.23 12.14
CA GLU A 96 1.09 -10.06 11.87
C GLU A 96 1.01 -9.13 13.09
N LYS A 97 0.67 -7.87 12.80
CA LYS A 97 0.51 -6.89 13.86
C LYS A 97 -0.64 -5.99 13.40
N ARG A 98 -1.81 -6.17 13.99
CA ARG A 98 -3.00 -5.43 13.62
C ARG A 98 -3.08 -4.13 14.41
N GLN A 99 -3.32 -3.03 13.71
CA GLN A 99 -3.16 -1.71 14.27
C GLN A 99 -4.26 -0.82 13.71
N ASN A 100 -4.49 0.31 14.40
CA ASN A 100 -5.43 1.36 14.01
C ASN A 100 -4.64 2.67 14.01
N LYS A 101 -4.15 3.09 12.85
CA LYS A 101 -3.27 4.22 12.77
C LYS A 101 -3.64 5.05 11.56
N SER A 102 -3.25 6.33 11.60
CA SER A 102 -3.37 7.14 10.38
C SER A 102 -2.21 6.79 9.45
N TYR A 103 -2.31 7.21 8.19
CA TYR A 103 -1.25 6.92 7.22
C TYR A 103 -1.07 8.12 6.31
N VAL A 104 0.05 8.10 5.58
CA VAL A 104 0.43 9.12 4.65
C VAL A 104 0.71 8.40 3.35
N VAL A 105 0.04 8.83 2.28
CA VAL A 105 0.33 8.30 0.95
C VAL A 105 0.91 9.39 0.06
N ALA A 106 1.83 9.00 -0.82
CA ALA A 106 2.24 9.86 -1.92
C ALA A 106 1.22 9.72 -3.03
N CYS A 107 0.87 10.83 -3.67
CA CYS A 107 -0.13 10.84 -4.72
C CYS A 107 0.38 11.57 -5.96
N LYS A 108 -0.09 11.10 -7.10
CA LYS A 108 0.22 11.68 -8.41
C LYS A 108 -1.02 11.55 -9.29
N PRO A 109 -1.10 12.33 -10.38
CA PRO A 109 -2.23 12.14 -11.30
C PRO A 109 -2.22 10.73 -11.87
N PRO A 110 -3.39 10.18 -12.13
CA PRO A 110 -3.44 8.88 -12.81
C PRO A 110 -2.70 8.94 -14.15
N GLN A 111 -2.22 7.76 -14.61
CA GLN A 111 -1.41 7.64 -15.81
C GLN A 111 -2.00 6.61 -16.75
N LYS A 112 -1.63 6.73 -18.03
CA LYS A 112 -2.00 5.76 -19.04
C LYS A 112 -3.51 5.54 -19.01
N LYS A 113 -3.95 4.30 -18.76
CA LYS A 113 -5.36 3.96 -18.77
C LYS A 113 -5.91 3.67 -17.37
N ASP A 114 -5.25 4.19 -16.33
CA ASP A 114 -5.82 4.23 -15.00
C ASP A 114 -7.24 4.80 -15.05
N SER A 115 -8.07 4.47 -14.06
CA SER A 115 -9.42 5.02 -14.04
C SER A 115 -9.39 6.55 -14.14
N GLN A 116 -10.47 7.18 -14.61
CA GLN A 116 -10.55 8.63 -14.69
C GLN A 116 -11.31 9.20 -13.51
N GLN A 117 -11.61 8.39 -12.50
CA GLN A 117 -12.51 8.89 -11.48
C GLN A 117 -11.81 9.85 -10.52
N PHE A 118 -10.51 9.65 -10.33
CA PHE A 118 -9.71 10.37 -9.35
C PHE A 118 -8.58 11.11 -10.05
N HIS A 119 -8.47 12.41 -9.79
CA HIS A 119 -7.42 13.24 -10.39
C HIS A 119 -6.08 13.11 -9.68
N LEU A 120 -6.09 12.56 -8.48
CA LEU A 120 -4.88 12.18 -7.80
C LEU A 120 -5.07 10.81 -7.19
N VAL A 121 -4.10 9.92 -7.42
CA VAL A 121 -4.16 8.54 -6.92
C VAL A 121 -2.92 8.21 -6.08
N PRO A 122 -3.02 7.33 -5.11
CA PRO A 122 -1.83 6.93 -4.34
C PRO A 122 -0.88 6.14 -5.21
N VAL A 123 0.40 6.46 -5.09
CA VAL A 123 1.45 5.74 -5.80
C VAL A 123 2.41 5.04 -4.86
N HIS A 124 2.46 5.40 -3.58
CA HIS A 124 3.19 4.60 -2.63
C HIS A 124 2.75 4.98 -1.22
N LEU A 125 3.01 4.07 -0.28
CA LEU A 125 2.69 4.29 1.13
C LEU A 125 3.92 4.88 1.81
N ASP A 126 3.80 6.12 2.29
CA ASP A 126 4.98 6.84 2.76
C ASP A 126 5.22 6.71 4.25
N ARG A 127 4.18 6.68 5.08
CA ARG A 127 4.38 6.31 6.47
C ARG A 127 3.06 5.92 7.12
N VAL A 128 3.18 5.25 8.25
CA VAL A 128 2.05 4.85 9.10
C VAL A 128 2.35 5.54 10.43
N LEU A 129 1.41 6.29 10.97
CA LEU A 129 1.59 7.07 12.20
C LEU A 129 1.44 6.21 13.44
CL CL B . -9.27 3.06 19.17
CL CL C . -8.64 -2.23 -4.19
CL CL D . 5.25 -1.37 3.15
CL CL E . 6.52 4.38 8.70
CL CL F . 10.68 13.82 -8.16
CL CL G . 9.21 9.27 -0.48
CL CL H . 8.54 6.17 1.59
CL CL I . 3.43 0.75 -3.63
CL CL J . 5.24 1.68 -0.72
CL CL K . -0.42 -9.35 -10.93
CL CL L . 1.48 -12.06 -12.09
ZN ZN M . 11.45 14.98 -6.40
ZN ZN N . 7.65 8.07 0.57
ZN ZN O . 4.25 0.11 -1.68
ZN ZN P . 1.42 -9.90 -11.62
O1 MES Q . 8.36 -12.06 24.75
C2 MES Q . 7.93 -10.71 24.77
C3 MES Q . 6.56 -10.55 24.14
N4 MES Q . 6.58 -11.05 22.74
C5 MES Q . 7.11 -12.46 22.72
C6 MES Q . 8.44 -12.51 23.41
C7 MES Q . 5.21 -10.97 22.11
C8 MES Q . 5.12 -9.88 21.07
S MES Q . 3.47 -9.23 20.90
O1S MES Q . 2.84 -9.43 22.18
O2S MES Q . 2.84 -9.98 19.85
O3S MES Q . 3.61 -7.84 20.58
H21 MES Q . 8.57 -10.15 24.28
H22 MES Q . 7.91 -10.39 25.69
H31 MES Q . 5.91 -11.07 24.66
H32 MES Q . 6.30 -9.62 24.15
HN4 MES Q . 7.15 -10.53 22.26
H51 MES Q . 7.20 -12.73 21.79
H52 MES Q . 6.48 -13.03 23.17
H61 MES Q . 8.77 -13.42 23.40
H62 MES Q . 9.09 -11.96 22.93
H71 MES Q . 5.02 -11.88 21.70
H72 MES Q . 4.55 -10.81 22.86
H81 MES Q . 5.71 -9.13 21.28
H82 MES Q . 5.38 -10.21 20.18
C1 EDO R . 12.91 -16.15 -0.46
O1 EDO R . 12.98 -17.23 -1.28
C2 EDO R . 13.82 -16.29 0.66
O2 EDO R . 14.57 -15.14 0.91
H11 EDO R . 13.13 -15.35 -0.96
H12 EDO R . 12.00 -16.07 -0.13
HO1 EDO R . 12.79 -16.98 -2.08
H21 EDO R . 13.30 -16.51 1.46
H22 EDO R . 14.43 -17.04 0.49
HO2 EDO R . 15.02 -15.25 1.62
C1 PEG S . -8.25 6.51 -18.72
O1 PEG S . -9.35 5.64 -18.94
C2 PEG S . -7.93 7.33 -19.96
O2 PEG S . -8.75 8.51 -19.99
C3 PEG S . -8.20 9.47 -20.88
C4 PEG S . -9.09 10.59 -21.34
O4 PEG S . -8.95 10.70 -22.75
H11 PEG S . -8.44 7.10 -17.98
H12 PEG S . -7.46 5.98 -18.49
HO1 PEG S . -9.13 4.89 -19.29
H21 PEG S . -7.00 7.60 -19.94
H22 PEG S . -8.10 6.80 -20.75
H31 PEG S . -7.42 9.87 -20.45
H32 PEG S . -7.88 9.00 -21.67
H41 PEG S . -8.81 11.41 -20.92
H42 PEG S . -10.02 10.53 -21.32
HO4 PEG S . -8.32 11.21 -23.01
C1 EDO T . -11.43 0.74 12.61
O1 EDO T . -12.46 0.01 11.94
C2 EDO T . -11.42 2.18 12.11
O2 EDO T . -11.74 2.20 10.72
H11 EDO T . -11.60 0.72 13.68
H12 EDO T . -10.46 0.27 12.41
HO1 EDO T . -12.47 -0.90 12.24
H21 EDO T . -12.15 2.77 12.68
H22 EDO T . -10.43 2.62 12.27
HO2 EDO T . -11.74 3.11 10.40
C1 EDO U . 11.21 -5.51 1.50
O1 EDO U . 10.65 -5.31 2.80
C2 EDO U . 12.65 -5.99 1.59
O2 EDO U . 12.69 -7.40 1.36
H11 EDO U . 10.62 -6.25 0.96
H12 EDO U . 11.17 -4.57 0.94
HO1 EDO U . 9.74 -5.01 2.72
H21 EDO U . 13.26 -5.48 0.83
H22 EDO U . 13.06 -5.76 2.57
HO2 EDO U . 13.60 -7.71 1.41
C1 PEG V . -3.21 -8.99 -8.84
O1 PEG V . -2.08 -9.70 -8.42
C2 PEG V . -4.15 -8.44 -7.80
O2 PEG V . -5.42 -9.08 -7.88
C3 PEG V . -6.33 -8.69 -8.90
C4 PEG V . -7.01 -9.96 -9.40
O4 PEG V . -7.90 -9.69 -10.48
H11 PEG V . -2.90 -8.24 -9.38
H12 PEG V . -3.71 -9.57 -9.43
HO1 PEG V . -1.34 -9.36 -8.67
H21 PEG V . -3.78 -8.60 -6.92
H22 PEG V . -4.27 -7.50 -7.94
H31 PEG V . -7.00 -8.07 -8.53
H32 PEG V . -5.85 -8.25 -9.62
H41 PEG V . -6.33 -10.59 -9.67
H42 PEG V . -7.50 -10.34 -8.66
HO4 PEG V . -7.51 -9.48 -11.21
C1 MPD W . -2.85 -7.99 18.50
C2 MPD W . -2.37 -9.10 17.61
O2 MPD W . -2.03 -8.46 16.36
CM MPD W . -3.51 -10.08 17.33
C3 MPD W . -1.11 -9.74 18.23
C4 MPD W . -0.59 -11.05 17.69
O4 MPD W . -0.03 -10.85 16.44
C5 MPD W . 0.44 -11.75 18.53
H11 MPD W . -3.83 -7.66 18.19
H12 MPD W . -2.15 -7.15 18.44
H13 MPD W . -2.89 -8.34 19.53
HO2 MPD W . -1.08 -8.56 16.19
HM1 MPD W . -3.60 -10.68 18.23
HM2 MPD W . -3.27 -10.72 16.48
HM3 MPD W . -4.44 -9.53 17.14
H31 MPD W . -1.31 -9.89 19.29
H32 MPD W . -0.30 -9.01 18.17
H4 MPD W . -1.45 -11.68 17.59
HO4 MPD W . 0.74 -10.24 16.52
H51 MPD W . 1.30 -11.99 17.91
H52 MPD W . 0.02 -12.68 18.93
H53 MPD W . 0.74 -11.11 19.36
O1 MES X . -8.69 -4.12 -10.60
C2 MES X . -8.09 -3.54 -11.74
C3 MES X . -7.36 -4.61 -12.54
N4 MES X . -6.32 -5.29 -11.74
C5 MES X . -6.84 -5.66 -10.41
C6 MES X . -7.70 -4.62 -9.71
C7 MES X . -5.83 -6.47 -12.51
C8 MES X . -4.53 -7.12 -12.02
S MES X . -3.37 -7.30 -13.22
O1S MES X . -2.67 -6.00 -13.31
O2S MES X . -3.94 -7.71 -14.52
O3S MES X . -2.44 -8.36 -12.86
H21 MES X . -7.41 -2.74 -11.46
H22 MES X . -8.87 -3.10 -12.37
H31 MES X . -8.08 -5.34 -12.91
H32 MES X . -6.90 -4.12 -13.40
HN4 MES X . -5.54 -4.64 -11.62
H51 MES X . -5.98 -5.85 -9.75
H52 MES X . -7.43 -6.57 -10.49
H61 MES X . -8.21 -5.12 -8.87
H62 MES X . -7.10 -3.82 -9.30
H71 MES X . -6.60 -7.26 -12.55
H72 MES X . -5.68 -6.14 -13.54
H81 MES X . -4.09 -6.56 -11.19
H82 MES X . -4.75 -8.12 -11.65
#